data_1TJI
#
_entry.id   1TJI
#
_cell.length_a   58.660
_cell.length_b   63.684
_cell.length_c   178.375
_cell.angle_alpha   90.00
_cell.angle_beta   90.00
_cell.angle_gamma   90.00
#
_symmetry.space_group_name_H-M   'P 21 21 21'
#
loop_
_entity.id
_entity.type
_entity.pdbx_description
1 polymer 'anti-HIV-1 antibody 2F5 Light Chain'
2 polymer 'anti-HIV-1 antibody 2F5 Heavy Chain'
3 polymer 'Envelope Glycoprotein GP41'
4 non-polymer 1,2-ETHANEDIOL
5 non-polymer 'ISOPROPYL ALCOHOL'
6 water water
#
loop_
_entity_poly.entity_id
_entity_poly.type
_entity_poly.pdbx_seq_one_letter_code
_entity_poly.pdbx_strand_id
1 'polypeptide(L)'
;ALQLTQSPSSLSASVGDRITITCRASQGVTSALAWYRQKPGSPPQLLIYDASSLESGVPSRFSGSGSGTEFTLTISTLRP
EDFATYYCQQLHFYPHTFGGGTRVDVRRTVAAPSVFIFPPSDEQLKSGTASVVCLLNNFYPREAKVQWKVDNALQSGNSQ
ESVTEQDSKDSTYSLSSTLTLSKADYEKHKVYACEVTHQGLSSPVTKSFNRGE(YCM)
;
L
2 'polypeptide(L)'
;RITLKESGPPLVKPTQTLTLTCSFSGFSLSDFGVGVGWIRQPPGKALEWLAIIYSDDDKRYSPSLNTRLTITKDTSKNQV
VLVMTRVSPVDTATYFCAHRRGPTTLFGVPIARGPVNAMDVWGQGITVTISSTSTKGPSVFPLAPSSKSTSGGTAALGCL
VKDYFPEPVTVSWNSGALTSGVHTFPAVLQSSGLYSLSSVVTVPSSSLGTQTYICNVNHKPSNTKVDKKVEPKS(YCM)D
K
;
H
3 'polypeptide(L)' EKNEQELLELDKWASLW(NH2) P
#
loop_
_chem_comp.id
_chem_comp.type
_chem_comp.name
_chem_comp.formula
EDO non-polymer 1,2-ETHANEDIOL 'C2 H6 O2'
IPA non-polymer 'ISOPROPYL ALCOHOL' 'C3 H8 O'
NH2 non-polymer 'AMINO GROUP' 'H2 N'
#
# COMPACT_ATOMS: atom_id res chain seq x y z
N ALA A 1 7.85 -21.41 6.22
CA ALA A 1 7.11 -21.30 7.51
C ALA A 1 5.63 -21.62 7.31
N LEU A 2 4.86 -21.50 8.39
CA LEU A 2 3.44 -21.78 8.31
C LEU A 2 2.76 -20.76 7.40
N GLN A 3 2.14 -21.23 6.32
CA GLN A 3 1.47 -20.34 5.39
C GLN A 3 0.00 -20.11 5.73
N LEU A 4 -0.42 -18.86 5.68
CA LEU A 4 -1.80 -18.47 5.97
C LEU A 4 -2.43 -17.92 4.69
N THR A 5 -3.52 -18.54 4.26
CA THR A 5 -4.19 -18.08 3.06
C THR A 5 -5.50 -17.41 3.45
N GLN A 6 -5.55 -16.11 3.19
CA GLN A 6 -6.71 -15.30 3.50
C GLN A 6 -7.54 -15.16 2.24
N SER A 7 -8.85 -15.32 2.36
CA SER A 7 -9.71 -15.20 1.19
C SER A 7 -11.08 -14.69 1.61
N PRO A 8 -11.71 -13.85 0.76
CA PRO A 8 -11.13 -13.41 -0.51
C PRO A 8 -10.08 -12.32 -0.30
N SER A 9 -9.38 -11.95 -1.36
CA SER A 9 -8.37 -10.91 -1.28
C SER A 9 -9.06 -9.56 -1.29
N SER A 10 -10.20 -9.51 -1.97
CA SER A 10 -10.95 -8.27 -2.07
C SER A 10 -12.43 -8.58 -1.95
N LEU A 11 -13.17 -7.66 -1.33
CA LEU A 11 -14.59 -7.87 -1.13
C LEU A 11 -15.36 -6.57 -1.20
N SER A 12 -16.51 -6.60 -1.87
CA SER A 12 -17.38 -5.45 -2.02
C SER A 12 -18.57 -5.63 -1.09
N ALA A 13 -18.95 -4.57 -0.38
CA ALA A 13 -20.08 -4.67 0.53
C ALA A 13 -20.75 -3.32 0.76
N SER A 14 -21.89 -3.33 1.42
CA SER A 14 -22.62 -2.10 1.70
C SER A 14 -22.85 -1.96 3.20
N VAL A 15 -23.01 -0.73 3.65
CA VAL A 15 -23.27 -0.50 5.07
C VAL A 15 -24.46 -1.36 5.49
N GLY A 16 -24.30 -2.09 6.58
CA GLY A 16 -25.37 -2.94 7.05
C GLY A 16 -25.23 -4.37 6.62
N ASP A 17 -24.31 -4.65 5.70
CA ASP A 17 -24.10 -6.01 5.23
C ASP A 17 -23.42 -6.87 6.28
N ARG A 18 -23.48 -8.17 6.05
CA ARG A 18 -22.88 -9.15 6.92
C ARG A 18 -21.79 -9.82 6.08
N ILE A 19 -20.53 -9.69 6.49
CA ILE A 19 -19.45 -10.30 5.73
C ILE A 19 -18.65 -11.29 6.55
N THR A 20 -18.04 -12.24 5.87
CA THR A 20 -17.23 -13.27 6.49
C THR A 20 -15.92 -13.42 5.72
N ILE A 21 -14.81 -13.36 6.44
CA ILE A 21 -13.49 -13.49 5.83
C ILE A 21 -12.85 -14.75 6.38
N THR A 22 -12.24 -15.54 5.50
CA THR A 22 -11.62 -16.79 5.92
C THR A 22 -10.10 -16.76 5.90
N CYS A 23 -9.48 -17.63 6.69
CA CYS A 23 -8.04 -17.74 6.77
C CYS A 23 -7.72 -19.23 6.97
N ARG A 24 -6.92 -19.80 6.07
CA ARG A 24 -6.55 -21.21 6.16
C ARG A 24 -5.06 -21.35 6.42
N ALA A 25 -4.72 -22.19 7.40
CA ALA A 25 -3.33 -22.42 7.76
C ALA A 25 -2.84 -23.71 7.15
N SER A 26 -1.60 -23.73 6.66
CA SER A 26 -1.04 -24.92 6.03
C SER A 26 -0.94 -26.07 7.04
N GLN A 27 -1.12 -25.77 8.31
CA GLN A 27 -1.11 -26.76 9.37
C GLN A 27 -1.64 -26.18 10.67
N GLY A 28 -2.18 -27.06 11.52
CA GLY A 28 -2.77 -26.65 12.77
C GLY A 28 -2.02 -25.67 13.65
N VAL A 29 -2.70 -24.60 14.03
CA VAL A 29 -2.11 -23.58 14.90
C VAL A 29 -2.99 -23.47 16.13
N THR A 30 -3.73 -24.53 16.41
CA THR A 30 -4.66 -24.61 17.53
C THR A 30 -5.59 -23.39 17.52
N SER A 31 -5.51 -22.53 18.52
CA SER A 31 -6.39 -21.37 18.57
C SER A 31 -5.60 -20.06 18.52
N ALA A 32 -4.30 -20.18 18.25
CA ALA A 32 -3.41 -19.03 18.20
C ALA A 32 -3.55 -18.24 16.92
N LEU A 33 -4.72 -17.62 16.73
CA LEU A 33 -4.99 -16.85 15.53
C LEU A 33 -5.64 -15.52 15.92
N ALA A 34 -5.08 -14.41 15.43
CA ALA A 34 -5.62 -13.09 15.72
C ALA A 34 -6.07 -12.37 14.45
N TRP A 35 -7.07 -11.49 14.58
CA TRP A 35 -7.58 -10.71 13.46
C TRP A 35 -7.41 -9.21 13.72
N TYR A 36 -6.98 -8.48 12.70
CA TYR A 36 -6.77 -7.04 12.82
C TYR A 36 -7.46 -6.26 11.72
N ARG A 37 -7.76 -5.00 12.01
CA ARG A 37 -8.36 -4.12 11.03
C ARG A 37 -7.36 -3.01 10.80
N GLN A 38 -7.08 -2.70 9.54
CA GLN A 38 -6.16 -1.62 9.25
C GLN A 38 -6.78 -0.60 8.29
N LYS A 39 -6.85 0.64 8.74
CA LYS A 39 -7.41 1.69 7.91
C LYS A 39 -6.26 2.44 7.27
N PRO A 40 -6.49 3.02 6.09
CA PRO A 40 -5.46 3.77 5.36
C PRO A 40 -4.71 4.74 6.26
N GLY A 41 -3.39 4.72 6.16
CA GLY A 41 -2.57 5.61 6.96
C GLY A 41 -2.46 5.29 8.44
N SER A 42 -3.14 4.26 8.89
CA SER A 42 -3.10 3.90 10.31
C SER A 42 -2.48 2.52 10.57
N PRO A 43 -2.12 2.24 11.83
CA PRO A 43 -1.55 0.95 12.18
C PRO A 43 -2.65 -0.06 12.41
N PRO A 44 -2.34 -1.36 12.33
CA PRO A 44 -3.35 -2.39 12.54
C PRO A 44 -3.97 -2.24 13.93
N GLN A 45 -5.23 -2.64 14.04
CA GLN A 45 -5.96 -2.58 15.30
C GLN A 45 -6.49 -3.99 15.56
N LEU A 46 -6.29 -4.49 16.77
CA LEU A 46 -6.73 -5.84 17.15
C LEU A 46 -8.24 -5.94 17.30
N LEU A 47 -8.80 -7.01 16.73
CA LEU A 47 -10.23 -7.27 16.81
C LEU A 47 -10.48 -8.52 17.64
N ILE A 48 -9.96 -9.64 17.17
CA ILE A 48 -10.13 -10.94 17.81
C ILE A 48 -8.79 -11.57 18.18
N TYR A 49 -8.67 -12.04 19.41
CA TYR A 49 -7.44 -12.71 19.81
C TYR A 49 -7.78 -14.17 20.16
N ASP A 50 -6.79 -15.05 20.12
CA ASP A 50 -7.00 -16.47 20.43
C ASP A 50 -8.15 -17.10 19.63
N ALA A 51 -8.27 -16.74 18.36
CA ALA A 51 -9.28 -17.27 17.45
C ALA A 51 -10.73 -16.81 17.60
N SER A 52 -11.23 -16.63 18.83
CA SER A 52 -12.62 -16.19 18.96
C SER A 52 -12.91 -15.22 20.11
N SER A 53 -11.89 -14.90 20.89
CA SER A 53 -12.08 -13.97 22.00
C SER A 53 -12.13 -12.53 21.51
N LEU A 54 -13.18 -11.83 21.90
CA LEU A 54 -13.37 -10.44 21.50
C LEU A 54 -12.50 -9.52 22.32
N GLU A 55 -11.63 -8.76 21.65
CA GLU A 55 -10.75 -7.84 22.34
C GLU A 55 -11.56 -6.76 23.05
N SER A 56 -11.16 -6.45 24.27
CA SER A 56 -11.84 -5.46 25.07
C SER A 56 -11.94 -4.13 24.32
N GLY A 57 -13.14 -3.55 24.30
CA GLY A 57 -13.33 -2.28 23.64
C GLY A 57 -13.70 -2.37 22.17
N VAL A 58 -13.71 -3.59 21.63
CA VAL A 58 -14.06 -3.79 20.23
C VAL A 58 -15.57 -4.01 20.12
N PRO A 59 -16.23 -3.32 19.17
CA PRO A 59 -17.69 -3.47 18.99
C PRO A 59 -18.08 -4.93 18.93
N SER A 60 -19.27 -5.23 19.43
CA SER A 60 -19.76 -6.59 19.45
C SER A 60 -20.11 -7.15 18.08
N ARG A 61 -20.13 -6.30 17.06
CA ARG A 61 -20.44 -6.77 15.71
C ARG A 61 -19.36 -7.70 15.18
N PHE A 62 -18.17 -7.64 15.78
CA PHE A 62 -17.08 -8.50 15.37
C PHE A 62 -17.07 -9.81 16.15
N SER A 63 -16.90 -10.92 15.45
CA SER A 63 -16.84 -12.23 16.09
C SER A 63 -15.86 -13.07 15.30
N GLY A 64 -15.27 -14.07 15.94
CA GLY A 64 -14.32 -14.93 15.27
C GLY A 64 -14.57 -16.38 15.61
N SER A 65 -14.20 -17.28 14.71
CA SER A 65 -14.42 -18.68 14.95
C SER A 65 -13.38 -19.56 14.29
N GLY A 66 -13.28 -20.81 14.76
CA GLY A 66 -12.36 -21.76 14.19
C GLY A 66 -11.36 -22.30 15.18
N SER A 67 -10.58 -23.28 14.74
CA SER A 67 -9.55 -23.89 15.58
C SER A 67 -8.87 -24.96 14.73
N GLY A 68 -7.55 -24.92 14.69
CA GLY A 68 -6.83 -25.89 13.89
C GLY A 68 -6.28 -25.26 12.62
N THR A 69 -7.03 -25.35 11.53
CA THR A 69 -6.57 -24.80 10.26
C THR A 69 -7.55 -23.87 9.54
N GLU A 70 -8.81 -23.85 9.96
CA GLU A 70 -9.81 -23.00 9.33
C GLU A 70 -10.34 -21.99 10.33
N PHE A 71 -10.30 -20.71 9.95
CA PHE A 71 -10.78 -19.66 10.81
C PHE A 71 -11.58 -18.65 10.01
N THR A 72 -12.50 -17.97 10.67
CA THR A 72 -13.30 -16.96 10.00
C THR A 72 -13.57 -15.80 10.92
N LEU A 73 -13.56 -14.60 10.34
CA LEU A 73 -13.84 -13.37 11.05
C LEU A 73 -15.17 -12.94 10.47
N THR A 74 -16.10 -12.53 11.34
CA THR A 74 -17.39 -12.11 10.86
C THR A 74 -17.78 -10.75 11.42
N ILE A 75 -18.38 -9.92 10.58
CA ILE A 75 -18.86 -8.61 10.96
C ILE A 75 -20.35 -8.69 10.65
N SER A 76 -21.16 -8.84 11.69
CA SER A 76 -22.60 -8.98 11.52
C SER A 76 -23.25 -7.84 10.76
N THR A 77 -22.92 -6.61 11.12
CA THR A 77 -23.47 -5.42 10.46
C THR A 77 -22.37 -4.45 10.10
N LEU A 78 -22.01 -4.41 8.82
CA LEU A 78 -20.95 -3.55 8.34
C LEU A 78 -21.23 -2.06 8.57
N ARG A 79 -20.25 -1.40 9.19
CA ARG A 79 -20.34 0.03 9.47
C ARG A 79 -19.37 0.76 8.55
N PRO A 80 -19.61 2.06 8.29
CA PRO A 80 -18.73 2.83 7.42
C PRO A 80 -17.24 2.75 7.77
N GLU A 81 -16.94 2.73 9.05
CA GLU A 81 -15.54 2.66 9.46
C GLU A 81 -14.94 1.28 9.27
N ASP A 82 -15.74 0.33 8.80
CA ASP A 82 -15.25 -1.03 8.59
C ASP A 82 -14.72 -1.28 7.18
N PHE A 83 -14.84 -0.30 6.29
CA PHE A 83 -14.31 -0.48 4.95
C PHE A 83 -12.82 -0.23 5.13
N ALA A 84 -12.07 -1.33 5.15
CA ALA A 84 -10.64 -1.25 5.37
C ALA A 84 -10.00 -2.58 4.97
N THR A 85 -8.77 -2.80 5.43
CA THR A 85 -8.08 -4.03 5.12
C THR A 85 -7.95 -4.84 6.40
N TYR A 86 -8.17 -6.15 6.30
CA TYR A 86 -8.08 -7.03 7.46
C TYR A 86 -7.00 -8.08 7.32
N TYR A 87 -6.36 -8.42 8.44
CA TYR A 87 -5.30 -9.41 8.43
C TYR A 87 -5.44 -10.43 9.54
N CYS A 88 -5.02 -11.67 9.28
CA CYS A 88 -5.00 -12.70 10.30
C CYS A 88 -3.52 -12.90 10.61
N GLN A 89 -3.23 -13.44 11.78
CA GLN A 89 -1.86 -13.70 12.19
C GLN A 89 -1.88 -14.93 13.07
N GLN A 90 -0.91 -15.81 12.87
CA GLN A 90 -0.83 -16.99 13.71
C GLN A 90 0.36 -16.83 14.64
N LEU A 91 0.16 -17.17 15.91
CA LEU A 91 1.22 -17.06 16.91
C LEU A 91 1.49 -18.39 17.58
N HIS A 92 1.25 -19.47 16.86
CA HIS A 92 1.47 -20.80 17.39
C HIS A 92 2.88 -21.29 17.07
N PHE A 93 3.40 -20.88 15.92
CA PHE A 93 4.75 -21.24 15.48
C PHE A 93 5.58 -20.00 15.17
N TYR A 94 6.90 -20.14 15.28
CA TYR A 94 7.82 -19.05 14.93
C TYR A 94 8.26 -19.41 13.51
N PRO A 95 8.35 -18.44 12.61
CA PRO A 95 8.06 -17.03 12.85
C PRO A 95 6.57 -16.82 12.82
N HIS A 96 6.09 -15.83 13.57
CA HIS A 96 4.67 -15.55 13.55
C HIS A 96 4.46 -15.09 12.11
N THR A 97 3.29 -15.40 11.56
CA THR A 97 3.02 -15.01 10.19
C THR A 97 1.65 -14.36 10.05
N PHE A 98 1.55 -13.43 9.10
CA PHE A 98 0.30 -12.75 8.83
C PHE A 98 -0.23 -13.27 7.48
N GLY A 99 -1.53 -13.10 7.27
CA GLY A 99 -2.14 -13.51 6.01
C GLY A 99 -1.88 -12.39 5.00
N GLY A 100 -2.27 -12.60 3.74
CA GLY A 100 -2.03 -11.59 2.72
C GLY A 100 -2.92 -10.37 2.76
N GLY A 101 -3.95 -10.39 3.60
CA GLY A 101 -4.83 -9.25 3.69
C GLY A 101 -6.10 -9.38 2.87
N THR A 102 -7.14 -8.71 3.32
CA THR A 102 -8.43 -8.73 2.64
C THR A 102 -8.99 -7.33 2.66
N ARG A 103 -9.03 -6.67 1.50
CA ARG A 103 -9.57 -5.33 1.47
C ARG A 103 -11.08 -5.40 1.25
N VAL A 104 -11.78 -4.52 1.95
CA VAL A 104 -13.23 -4.45 1.87
C VAL A 104 -13.62 -3.06 1.40
N ASP A 105 -14.17 -2.94 0.18
CA ASP A 105 -14.56 -1.62 -0.30
C ASP A 105 -16.06 -1.44 -0.50
N VAL A 106 -16.47 -0.20 -0.73
CA VAL A 106 -17.87 0.14 -0.91
C VAL A 106 -18.39 -0.32 -2.26
N ARG A 107 -19.46 -1.11 -2.22
CA ARG A 107 -20.06 -1.61 -3.44
C ARG A 107 -20.90 -0.59 -4.18
N ARG A 108 -20.90 -0.71 -5.51
CA ARG A 108 -21.68 0.13 -6.38
C ARG A 108 -21.86 -0.67 -7.65
N THR A 109 -22.64 -0.15 -8.59
CA THR A 109 -22.87 -0.86 -9.83
C THR A 109 -21.59 -0.87 -10.67
N VAL A 110 -21.42 -1.93 -11.46
CA VAL A 110 -20.25 -2.06 -12.31
C VAL A 110 -20.15 -0.84 -13.20
N ALA A 111 -18.91 -0.42 -13.45
CA ALA A 111 -18.66 0.73 -14.30
C ALA A 111 -17.38 0.50 -15.06
N ALA A 112 -17.51 0.37 -16.38
CA ALA A 112 -16.35 0.16 -17.23
C ALA A 112 -15.55 1.46 -17.19
N PRO A 113 -14.23 1.37 -17.34
CA PRO A 113 -13.44 2.60 -17.31
C PRO A 113 -13.42 3.34 -18.64
N SER A 114 -13.18 4.65 -18.58
CA SER A 114 -13.05 5.45 -19.79
C SER A 114 -11.55 5.39 -20.02
N VAL A 115 -11.13 4.86 -21.16
CA VAL A 115 -9.70 4.72 -21.43
C VAL A 115 -9.17 5.81 -22.34
N PHE A 116 -8.13 6.50 -21.88
CA PHE A 116 -7.50 7.57 -22.65
C PHE A 116 -6.00 7.32 -22.73
N ILE A 117 -5.40 7.73 -23.85
CA ILE A 117 -3.97 7.55 -24.03
C ILE A 117 -3.32 8.90 -24.36
N PHE A 118 -2.11 9.10 -23.82
CA PHE A 118 -1.37 10.34 -23.99
C PHE A 118 0.04 10.12 -24.54
N PRO A 119 0.31 10.56 -25.77
CA PRO A 119 1.68 10.33 -26.24
C PRO A 119 2.61 11.23 -25.44
N PRO A 120 3.93 10.99 -25.52
CA PRO A 120 4.82 11.87 -24.76
C PRO A 120 4.81 13.29 -25.33
N SER A 121 5.23 14.26 -24.52
CA SER A 121 5.26 15.64 -24.94
C SER A 121 6.58 15.91 -25.66
N ASP A 122 6.55 16.82 -26.62
CA ASP A 122 7.76 17.17 -27.34
C ASP A 122 8.77 17.71 -26.35
N GLU A 123 8.27 18.33 -25.29
CA GLU A 123 9.11 18.86 -24.25
C GLU A 123 9.96 17.73 -23.65
N GLN A 124 9.32 16.62 -23.32
CA GLN A 124 10.04 15.49 -22.75
C GLN A 124 10.97 14.85 -23.77
N LEU A 125 10.47 14.64 -24.99
CA LEU A 125 11.30 14.03 -26.02
C LEU A 125 12.63 14.77 -26.17
N LYS A 126 12.63 16.08 -25.92
CA LYS A 126 13.85 16.87 -26.01
C LYS A 126 14.83 16.52 -24.90
N SER A 127 14.31 16.09 -23.76
CA SER A 127 15.16 15.72 -22.63
C SER A 127 15.77 14.34 -22.82
N GLY A 128 15.32 13.64 -23.87
CA GLY A 128 15.87 12.33 -24.15
C GLY A 128 15.04 11.11 -23.75
N THR A 129 13.86 11.34 -23.18
CA THR A 129 13.03 10.21 -22.78
C THR A 129 11.60 10.40 -23.28
N ALA A 130 10.86 9.30 -23.32
CA ALA A 130 9.48 9.35 -23.78
C ALA A 130 8.59 8.51 -22.87
N SER A 131 7.62 9.14 -22.24
CA SER A 131 6.70 8.45 -21.37
C SER A 131 5.34 8.45 -22.04
N VAL A 132 4.74 7.27 -22.18
CA VAL A 132 3.42 7.15 -22.78
C VAL A 132 2.49 6.76 -21.65
N VAL A 133 1.42 7.53 -21.47
CA VAL A 133 0.47 7.31 -20.39
C VAL A 133 -0.92 6.84 -20.85
N CYS A 134 -1.42 5.82 -20.16
CA CYS A 134 -2.74 5.27 -20.43
C CYS A 134 -3.55 5.49 -19.15
N LEU A 135 -4.72 6.09 -19.28
CA LEU A 135 -5.57 6.39 -18.13
C LEU A 135 -6.90 5.66 -18.16
N LEU A 136 -7.21 4.95 -17.08
CA LEU A 136 -8.49 4.24 -16.93
C LEU A 136 -9.20 5.08 -15.90
N ASN A 137 -10.28 5.74 -16.30
CA ASN A 137 -10.98 6.65 -15.41
C ASN A 137 -12.33 6.21 -14.86
N ASN A 138 -12.53 6.48 -13.57
CA ASN A 138 -13.76 6.18 -12.84
C ASN A 138 -14.43 4.83 -13.12
N PHE A 139 -13.76 3.75 -12.74
CA PHE A 139 -14.32 2.42 -12.95
C PHE A 139 -14.57 1.65 -11.64
N TYR A 140 -15.23 0.51 -11.76
CA TYR A 140 -15.55 -0.36 -10.63
C TYR A 140 -16.03 -1.70 -11.20
N PRO A 141 -15.60 -2.82 -10.60
CA PRO A 141 -14.72 -3.01 -9.44
C PRO A 141 -13.27 -2.60 -9.68
N ARG A 142 -12.46 -2.72 -8.63
CA ARG A 142 -11.04 -2.35 -8.66
C ARG A 142 -10.12 -3.16 -9.58
N GLU A 143 -10.42 -4.44 -9.78
CA GLU A 143 -9.59 -5.29 -10.62
C GLU A 143 -9.58 -4.86 -12.09
N ALA A 144 -8.38 -4.63 -12.61
CA ALA A 144 -8.20 -4.21 -14.00
C ALA A 144 -6.87 -4.73 -14.51
N LYS A 145 -6.81 -5.02 -15.81
CA LYS A 145 -5.60 -5.52 -16.44
C LYS A 145 -5.24 -4.63 -17.62
N VAL A 146 -3.99 -4.19 -17.67
CA VAL A 146 -3.53 -3.31 -18.74
C VAL A 146 -2.27 -3.85 -19.39
N GLN A 147 -2.28 -3.97 -20.72
CA GLN A 147 -1.12 -4.44 -21.47
C GLN A 147 -0.67 -3.46 -22.54
N TRP A 148 0.64 -3.26 -22.64
CA TRP A 148 1.19 -2.35 -23.64
C TRP A 148 1.74 -3.10 -24.83
N LYS A 149 1.53 -2.51 -26.01
CA LYS A 149 2.01 -3.07 -27.25
C LYS A 149 2.52 -1.94 -28.14
N VAL A 150 3.74 -2.10 -28.63
CA VAL A 150 4.37 -1.12 -29.51
C VAL A 150 4.54 -1.89 -30.81
N ASP A 151 3.82 -1.48 -31.86
CA ASP A 151 3.85 -2.17 -33.14
C ASP A 151 3.67 -3.67 -32.92
N ASN A 152 2.66 -4.02 -32.12
CA ASN A 152 2.33 -5.41 -31.81
C ASN A 152 3.31 -6.16 -30.90
N ALA A 153 4.37 -5.49 -30.46
CA ALA A 153 5.32 -6.14 -29.57
C ALA A 153 4.93 -5.86 -28.11
N LEU A 154 4.61 -6.93 -27.38
CA LEU A 154 4.22 -6.77 -26.00
C LEU A 154 5.38 -6.19 -25.19
N GLN A 155 5.07 -5.21 -24.33
CA GLN A 155 6.07 -4.58 -23.50
C GLN A 155 6.00 -5.15 -22.10
N SER A 156 7.12 -5.66 -21.61
CA SER A 156 7.16 -6.23 -20.28
C SER A 156 8.37 -5.73 -19.50
N GLY A 157 8.11 -5.24 -18.29
CA GLY A 157 9.18 -4.74 -17.46
C GLY A 157 9.53 -3.28 -17.62
N ASN A 158 8.84 -2.57 -18.51
CA ASN A 158 9.13 -1.15 -18.72
C ASN A 158 7.94 -0.20 -18.51
N SER A 159 6.99 -0.63 -17.68
CA SER A 159 5.83 0.19 -17.37
C SER A 159 5.49 0.06 -15.89
N GLN A 160 4.81 1.06 -15.35
CA GLN A 160 4.42 1.06 -13.95
C GLN A 160 3.01 1.59 -13.81
N GLU A 161 2.25 0.97 -12.91
CA GLU A 161 0.87 1.35 -12.64
C GLU A 161 0.68 2.00 -11.28
N SER A 162 -0.35 2.83 -11.18
CA SER A 162 -0.68 3.51 -9.94
C SER A 162 -2.20 3.58 -9.92
N VAL A 163 -2.79 3.29 -8.76
CA VAL A 163 -4.24 3.32 -8.60
C VAL A 163 -4.64 4.24 -7.46
N THR A 164 -5.76 4.95 -7.62
CA THR A 164 -6.24 5.86 -6.58
C THR A 164 -7.04 5.11 -5.51
N GLU A 165 -7.33 5.80 -4.41
CA GLU A 165 -8.15 5.23 -3.34
C GLU A 165 -9.58 5.34 -3.82
N GLN A 166 -10.45 4.43 -3.40
CA GLN A 166 -11.85 4.48 -3.83
C GLN A 166 -12.40 5.89 -3.60
N ASP A 167 -13.07 6.44 -4.61
CA ASP A 167 -13.63 7.78 -4.49
C ASP A 167 -14.76 7.85 -3.47
N SER A 168 -14.69 8.82 -2.57
CA SER A 168 -15.69 8.98 -1.53
C SER A 168 -17.09 9.37 -2.03
N LYS A 169 -17.16 9.90 -3.25
CA LYS A 169 -18.44 10.31 -3.81
C LYS A 169 -19.11 9.30 -4.73
N ASP A 170 -18.38 8.80 -5.72
CA ASP A 170 -18.97 7.83 -6.65
C ASP A 170 -18.45 6.41 -6.48
N SER A 171 -17.61 6.20 -5.47
CA SER A 171 -17.05 4.88 -5.19
C SER A 171 -16.30 4.24 -6.34
N THR A 172 -15.71 5.04 -7.22
CA THR A 172 -14.96 4.51 -8.35
C THR A 172 -13.47 4.62 -8.11
N TYR A 173 -12.70 3.96 -8.98
CA TYR A 173 -11.25 3.99 -8.92
C TYR A 173 -10.73 4.50 -10.25
N SER A 174 -9.50 5.01 -10.25
CA SER A 174 -8.86 5.46 -11.47
C SER A 174 -7.46 4.85 -11.44
N LEU A 175 -6.97 4.48 -12.60
CA LEU A 175 -5.67 3.86 -12.71
C LEU A 175 -4.88 4.44 -13.87
N SER A 176 -3.57 4.58 -13.66
CA SER A 176 -2.71 5.10 -14.70
C SER A 176 -1.61 4.08 -14.94
N SER A 177 -1.24 3.90 -16.20
CA SER A 177 -0.17 2.99 -16.56
C SER A 177 0.77 3.83 -17.41
N THR A 178 2.04 3.84 -17.03
CA THR A 178 3.03 4.62 -17.76
C THR A 178 4.10 3.73 -18.38
N LEU A 179 4.28 3.88 -19.68
CA LEU A 179 5.29 3.14 -20.43
C LEU A 179 6.44 4.10 -20.69
N THR A 180 7.65 3.71 -20.30
CA THR A 180 8.80 4.57 -20.49
C THR A 180 9.82 3.99 -21.47
N LEU A 181 10.21 4.80 -22.45
CA LEU A 181 11.18 4.40 -23.46
C LEU A 181 12.13 5.57 -23.68
N SER A 182 13.26 5.30 -24.32
CA SER A 182 14.19 6.37 -24.61
C SER A 182 13.66 7.03 -25.87
N LYS A 183 14.08 8.26 -26.12
CA LYS A 183 13.65 8.98 -27.30
C LYS A 183 13.94 8.13 -28.54
N ALA A 184 15.17 7.60 -28.61
CA ALA A 184 15.60 6.75 -29.72
C ALA A 184 14.62 5.64 -30.06
N ASP A 185 14.30 4.81 -29.07
CA ASP A 185 13.38 3.70 -29.30
C ASP A 185 11.97 4.19 -29.61
N TYR A 186 11.56 5.28 -28.96
CA TYR A 186 10.23 5.80 -29.19
C TYR A 186 10.03 6.18 -30.66
N GLU A 187 11.03 6.84 -31.22
CA GLU A 187 10.95 7.29 -32.60
C GLU A 187 11.11 6.18 -33.63
N LYS A 188 11.53 5.00 -33.18
CA LYS A 188 11.69 3.87 -34.09
C LYS A 188 10.39 3.14 -34.37
N HIS A 189 9.33 3.49 -33.65
CA HIS A 189 8.06 2.80 -33.85
C HIS A 189 6.89 3.72 -34.15
N LYS A 190 5.80 3.12 -34.63
CA LYS A 190 4.61 3.89 -34.99
C LYS A 190 3.43 3.75 -34.05
N VAL A 191 2.88 2.53 -33.99
CA VAL A 191 1.71 2.26 -33.17
C VAL A 191 1.96 1.95 -31.69
N TYR A 192 1.32 2.74 -30.84
CA TYR A 192 1.40 2.62 -29.39
C TYR A 192 -0.01 2.36 -28.88
N ALA A 193 -0.20 1.25 -28.20
CA ALA A 193 -1.53 0.90 -27.70
C ALA A 193 -1.56 0.26 -26.33
N CYS A 194 -2.64 0.50 -25.59
CA CYS A 194 -2.82 -0.13 -24.29
C CYS A 194 -4.14 -0.87 -24.36
N GLU A 195 -4.07 -2.17 -24.09
CA GLU A 195 -5.25 -3.03 -24.11
C GLU A 195 -5.74 -3.18 -22.68
N VAL A 196 -7.02 -2.90 -22.46
CA VAL A 196 -7.61 -2.96 -21.14
C VAL A 196 -8.70 -4.01 -20.94
N THR A 197 -8.57 -4.80 -19.88
CA THR A 197 -9.54 -5.84 -19.54
C THR A 197 -10.19 -5.47 -18.21
N HIS A 198 -11.52 -5.51 -18.18
CA HIS A 198 -12.27 -5.15 -16.97
C HIS A 198 -13.65 -5.81 -17.00
N GLN A 199 -14.16 -6.14 -15.83
CA GLN A 199 -15.48 -6.79 -15.74
C GLN A 199 -16.56 -6.02 -16.48
N GLY A 200 -16.48 -4.70 -16.46
CA GLY A 200 -17.48 -3.89 -17.12
C GLY A 200 -17.37 -3.83 -18.63
N LEU A 201 -16.29 -4.40 -19.17
CA LEU A 201 -16.08 -4.40 -20.61
C LEU A 201 -16.45 -5.75 -21.21
N SER A 202 -17.37 -5.73 -22.18
CA SER A 202 -17.79 -6.95 -22.84
C SER A 202 -16.58 -7.75 -23.30
N SER A 203 -15.57 -7.02 -23.78
CA SER A 203 -14.33 -7.65 -24.24
C SER A 203 -13.19 -6.65 -24.18
N PRO A 204 -11.93 -7.13 -24.19
CA PRO A 204 -10.77 -6.25 -24.13
C PRO A 204 -10.89 -5.04 -25.06
N VAL A 205 -10.59 -3.87 -24.52
CA VAL A 205 -10.67 -2.62 -25.27
C VAL A 205 -9.27 -2.09 -25.56
N THR A 206 -9.09 -1.58 -26.77
CA THR A 206 -7.79 -1.05 -27.15
C THR A 206 -7.87 0.43 -27.47
N LYS A 207 -6.91 1.18 -26.94
CA LYS A 207 -6.82 2.62 -27.17
C LYS A 207 -5.41 2.83 -27.68
N SER A 208 -5.27 3.58 -28.77
CA SER A 208 -3.93 3.77 -29.33
C SER A 208 -3.81 4.98 -30.23
N PHE A 209 -2.57 5.29 -30.59
CA PHE A 209 -2.29 6.38 -31.51
C PHE A 209 -1.19 5.91 -32.42
N ASN A 210 -1.10 6.54 -33.59
CA ASN A 210 -0.10 6.18 -34.58
C ASN A 210 0.74 7.42 -34.86
N ARG A 211 1.91 7.51 -34.25
CA ARG A 211 2.79 8.66 -34.43
C ARG A 211 3.39 8.67 -35.84
N GLY A 212 3.06 7.66 -36.64
CA GLY A 212 3.59 7.59 -37.99
C GLY A 212 2.55 8.04 -38.99
N GLU A 213 1.36 8.32 -38.49
CA GLU A 213 0.24 8.76 -39.32
C GLU A 213 -0.15 10.18 -38.90
N YCM A 214 0.19 11.16 -39.72
CA YCM A 214 -0.13 12.54 -39.39
CB YCM A 214 1.17 13.27 -39.05
SG YCM A 214 2.31 12.29 -38.07
CD YCM A 214 1.52 12.37 -36.46
CE YCM A 214 1.68 13.72 -35.76
OZ1 YCM A 214 2.80 14.17 -35.50
NZ2 YCM A 214 0.56 14.37 -35.47
C YCM A 214 -0.83 13.28 -40.53
O YCM A 214 -0.66 14.50 -40.63
OXT YCM A 214 -1.59 12.62 -41.29
N ARG B 1 -4.60 2.38 27.88
CA ARG B 1 -3.51 2.96 28.72
C ARG B 1 -2.12 2.61 28.19
N ILE B 2 -2.06 1.71 27.21
CA ILE B 2 -0.77 1.37 26.63
C ILE B 2 -0.47 2.18 25.37
N THR B 3 0.72 2.78 25.34
CA THR B 3 1.14 3.58 24.21
C THR B 3 2.57 3.21 23.80
N LEU B 4 2.80 3.10 22.50
CA LEU B 4 4.12 2.77 21.97
C LEU B 4 4.45 3.73 20.84
N LYS B 5 5.70 4.14 20.74
CA LYS B 5 6.11 5.03 19.67
C LYS B 5 7.48 4.70 19.12
N GLU B 6 7.56 4.56 17.80
CA GLU B 6 8.83 4.25 17.15
C GLU B 6 9.57 5.54 16.78
N SER B 7 10.89 5.51 16.91
CA SER B 7 11.72 6.64 16.54
C SER B 7 12.92 6.07 15.78
N GLY B 8 13.41 6.82 14.79
CA GLY B 8 14.55 6.39 14.01
C GLY B 8 14.75 7.28 12.78
N PRO B 9 15.75 7.00 11.94
CA PRO B 9 15.97 7.85 10.77
C PRO B 9 14.97 7.54 9.66
N PRO B 10 14.45 8.57 8.99
CA PRO B 10 13.49 8.36 7.90
C PRO B 10 14.19 7.95 6.61
N LEU B 11 15.49 8.19 6.54
CA LEU B 11 16.27 7.86 5.35
C LEU B 11 17.64 7.29 5.70
N VAL B 12 17.96 6.14 5.09
CA VAL B 12 19.23 5.47 5.31
C VAL B 12 19.78 4.99 3.97
N LYS B 13 21.10 4.99 3.83
CA LYS B 13 21.72 4.55 2.59
C LYS B 13 21.96 3.05 2.58
N PRO B 14 21.86 2.42 1.40
CA PRO B 14 22.08 0.99 1.26
C PRO B 14 23.40 0.57 1.91
N THR B 15 23.43 -0.62 2.51
CA THR B 15 24.60 -1.20 3.19
C THR B 15 24.86 -0.62 4.56
N GLN B 16 24.12 0.43 4.93
CA GLN B 16 24.33 1.01 6.26
C GLN B 16 23.49 0.24 7.29
N THR B 17 23.62 0.64 8.55
CA THR B 17 22.88 0.00 9.63
C THR B 17 21.72 0.87 10.09
N LEU B 18 20.55 0.24 10.23
CA LEU B 18 19.35 0.94 10.67
C LEU B 18 19.00 0.59 12.12
N THR B 19 18.83 1.62 12.95
CA THR B 19 18.51 1.42 14.36
C THR B 19 17.18 2.06 14.71
N LEU B 20 16.21 1.23 15.08
CA LEU B 20 14.88 1.71 15.44
C LEU B 20 14.63 1.53 16.92
N THR B 21 14.02 2.52 17.55
CA THR B 21 13.73 2.47 18.97
C THR B 21 12.23 2.56 19.24
N CYS B 22 11.77 1.73 20.15
CA CYS B 22 10.38 1.72 20.54
C CYS B 22 10.35 2.18 21.98
N SER B 23 9.63 3.26 22.24
CA SER B 23 9.50 3.78 23.59
C SER B 23 8.04 3.55 23.94
N PHE B 24 7.77 3.04 25.13
CA PHE B 24 6.40 2.77 25.52
C PHE B 24 6.04 3.20 26.93
N SER B 25 4.74 3.23 27.20
CA SER B 25 4.21 3.58 28.51
C SER B 25 2.94 2.78 28.71
N GLY B 26 2.61 2.48 29.97
CA GLY B 26 1.40 1.74 30.24
C GLY B 26 1.63 0.31 30.68
N PHE B 27 2.85 -0.16 30.48
CA PHE B 27 3.22 -1.51 30.90
C PHE B 27 4.71 -1.54 31.15
N SER B 28 5.19 -2.64 31.72
CA SER B 28 6.61 -2.77 32.00
C SER B 28 7.16 -4.03 31.38
N LEU B 29 8.36 -3.96 30.82
CA LEU B 29 8.95 -5.15 30.23
C LEU B 29 9.34 -6.07 31.38
N SER B 30 8.92 -5.71 32.58
CA SER B 30 9.19 -6.51 33.76
C SER B 30 7.97 -7.42 34.00
N ASP B 31 6.85 -7.07 33.37
CA ASP B 31 5.64 -7.87 33.49
C ASP B 31 5.94 -9.28 32.98
N PHE B 32 5.52 -10.27 33.73
CA PHE B 32 5.76 -11.66 33.38
C PHE B 32 5.33 -12.07 31.97
N GLY B 33 6.29 -12.52 31.18
CA GLY B 33 5.99 -12.97 29.83
C GLY B 33 5.62 -11.93 28.79
N VAL B 34 5.58 -10.66 29.16
CA VAL B 34 5.23 -9.63 28.21
C VAL B 34 6.25 -9.61 27.06
N GLY B 35 5.80 -9.26 25.87
CA GLY B 35 6.70 -9.21 24.75
C GLY B 35 6.50 -7.95 23.91
N VAL B 36 7.56 -7.56 23.21
CA VAL B 36 7.51 -6.41 22.31
C VAL B 36 8.07 -6.94 21.00
N GLY B 37 7.29 -6.80 19.93
CA GLY B 37 7.75 -7.30 18.65
C GLY B 37 7.74 -6.23 17.58
N TRP B 38 8.33 -6.54 16.44
CA TRP B 38 8.39 -5.60 15.33
C TRP B 38 7.80 -6.20 14.06
N ILE B 39 7.04 -5.38 13.34
CA ILE B 39 6.40 -5.78 12.10
C ILE B 39 6.62 -4.64 11.10
N ARG B 40 6.88 -4.97 9.85
CA ARG B 40 7.08 -3.95 8.82
C ARG B 40 6.00 -4.11 7.75
N GLN B 41 5.76 -3.01 7.05
CA GLN B 41 4.77 -3.01 5.99
C GLN B 41 5.33 -2.26 4.80
N PRO B 42 5.83 -3.00 3.79
CA PRO B 42 6.38 -2.32 2.62
C PRO B 42 5.27 -1.64 1.82
N PRO B 43 5.61 -0.56 1.09
CA PRO B 43 4.64 0.18 0.28
C PRO B 43 3.60 -0.70 -0.40
N GLY B 44 2.33 -0.47 -0.05
CA GLY B 44 1.24 -1.22 -0.63
C GLY B 44 1.27 -2.74 -0.49
N LYS B 45 1.95 -3.26 0.53
CA LYS B 45 1.99 -4.70 0.69
C LYS B 45 1.47 -5.13 2.07
N ALA B 46 1.47 -6.44 2.30
CA ALA B 46 0.97 -6.99 3.55
C ALA B 46 1.94 -6.81 4.71
N LEU B 47 1.46 -7.14 5.91
CA LEU B 47 2.26 -7.04 7.12
C LEU B 47 3.29 -8.17 7.13
N GLU B 48 4.47 -7.90 7.65
CA GLU B 48 5.54 -8.88 7.71
C GLU B 48 6.16 -8.89 9.11
N TRP B 49 6.13 -10.05 9.76
CA TRP B 49 6.67 -10.20 11.11
C TRP B 49 8.19 -10.17 11.06
N LEU B 50 8.80 -9.41 11.96
CA LEU B 50 10.24 -9.29 11.99
C LEU B 50 10.96 -9.97 13.15
N ALA B 51 10.52 -9.67 14.37
CA ALA B 51 11.16 -10.26 15.54
C ALA B 51 10.37 -9.93 16.79
N ILE B 52 10.74 -10.56 17.90
CA ILE B 52 10.07 -10.31 19.18
C ILE B 52 11.04 -10.59 20.32
N ILE B 53 10.90 -9.85 21.41
CA ILE B 53 11.75 -10.04 22.57
C ILE B 53 10.81 -10.04 23.79
N TYR B 54 11.11 -10.87 24.79
CA TYR B 54 10.25 -10.94 25.97
C TYR B 54 10.92 -10.48 27.25
N SER B 55 10.12 -10.37 28.30
CA SER B 55 10.58 -9.93 29.61
C SER B 55 11.80 -10.68 30.12
N ASP B 56 11.93 -11.96 29.77
CA ASP B 56 13.05 -12.77 30.23
C ASP B 56 14.24 -12.76 29.28
N ASP B 57 14.23 -11.80 28.36
CA ASP B 57 15.27 -11.62 27.36
C ASP B 57 15.28 -12.67 26.26
N ASP B 58 14.28 -13.54 26.27
CA ASP B 58 14.13 -14.55 25.23
C ASP B 58 13.82 -13.72 23.97
N LYS B 59 14.22 -14.20 22.81
CA LYS B 59 13.98 -13.45 21.58
C LYS B 59 14.00 -14.33 20.35
N ARG B 60 13.27 -13.92 19.33
CA ARG B 60 13.20 -14.65 18.06
C ARG B 60 13.21 -13.69 16.88
N TYR B 61 13.69 -14.19 15.74
CA TYR B 61 13.79 -13.40 14.53
C TYR B 61 13.19 -14.10 13.34
N SER B 62 12.73 -13.33 12.35
CA SER B 62 12.20 -13.93 11.14
C SER B 62 13.41 -14.69 10.59
N PRO B 63 13.26 -15.98 10.31
CA PRO B 63 14.37 -16.79 9.79
C PRO B 63 15.10 -16.28 8.54
N SER B 64 14.40 -15.57 7.67
CA SER B 64 15.06 -15.06 6.47
C SER B 64 15.84 -13.77 6.73
N LEU B 65 15.73 -13.23 7.94
CA LEU B 65 16.43 -12.00 8.28
C LEU B 65 17.26 -12.13 9.55
N ASN B 66 17.35 -13.34 10.08
CA ASN B 66 18.09 -13.53 11.32
C ASN B 66 19.56 -13.11 11.29
N THR B 67 20.22 -13.14 10.13
CA THR B 67 21.62 -12.71 10.11
C THR B 67 21.74 -11.19 10.12
N ARG B 68 20.67 -10.48 9.76
CA ARG B 68 20.72 -9.02 9.75
C ARG B 68 19.98 -8.34 10.91
N LEU B 69 19.17 -9.10 11.65
CA LEU B 69 18.42 -8.50 12.75
C LEU B 69 18.95 -8.82 14.13
N THR B 70 18.86 -7.84 15.01
CA THR B 70 19.27 -7.98 16.39
C THR B 70 18.25 -7.19 17.19
N ILE B 71 17.69 -7.78 18.24
CA ILE B 71 16.72 -7.06 19.06
C ILE B 71 17.20 -7.03 20.51
N THR B 72 17.01 -5.90 21.18
CA THR B 72 17.45 -5.74 22.56
C THR B 72 16.44 -4.94 23.35
N LYS B 73 16.66 -4.85 24.66
CA LYS B 73 15.76 -4.11 25.52
C LYS B 73 16.47 -3.51 26.74
N ASP B 74 15.83 -2.50 27.31
CA ASP B 74 16.31 -1.85 28.52
C ASP B 74 15.04 -1.63 29.33
N THR B 75 14.76 -2.55 30.24
CA THR B 75 13.55 -2.48 31.05
C THR B 75 13.45 -1.28 31.97
N SER B 76 14.56 -0.64 32.30
CA SER B 76 14.49 0.53 33.16
C SER B 76 14.17 1.80 32.38
N LYS B 77 14.31 1.74 31.05
CA LYS B 77 14.02 2.89 30.20
C LYS B 77 12.75 2.71 29.37
N ASN B 78 12.07 1.58 29.55
CA ASN B 78 10.86 1.30 28.79
C ASN B 78 11.10 1.42 27.29
N GLN B 79 12.19 0.81 26.82
CA GLN B 79 12.54 0.83 25.41
C GLN B 79 13.03 -0.49 24.89
N VAL B 80 12.82 -0.69 23.60
CA VAL B 80 13.26 -1.87 22.89
C VAL B 80 13.89 -1.38 21.60
N VAL B 81 15.04 -1.92 21.25
CA VAL B 81 15.75 -1.50 20.04
C VAL B 81 15.88 -2.64 19.04
N LEU B 82 15.66 -2.30 17.78
CA LEU B 82 15.79 -3.25 16.70
C LEU B 82 16.90 -2.71 15.80
N VAL B 83 17.89 -3.55 15.53
CA VAL B 83 19.00 -3.17 14.67
C VAL B 83 18.98 -4.04 13.42
N MET B 84 19.05 -3.39 12.26
CA MET B 84 19.08 -4.11 10.98
C MET B 84 20.32 -3.67 10.22
N THR B 85 21.23 -4.61 9.97
CA THR B 85 22.47 -4.31 9.26
C THR B 85 22.33 -4.51 7.76
N ARG B 86 23.31 -4.02 7.01
CA ARG B 86 23.35 -4.12 5.56
C ARG B 86 21.99 -3.97 4.90
N VAL B 87 21.35 -2.84 5.13
CA VAL B 87 20.02 -2.59 4.55
C VAL B 87 20.10 -2.35 3.04
N SER B 88 18.96 -2.53 2.37
CA SER B 88 18.89 -2.30 0.93
C SER B 88 17.50 -1.70 0.65
N PRO B 89 17.28 -1.21 -0.58
CA PRO B 89 15.97 -0.64 -0.88
C PRO B 89 14.79 -1.58 -0.66
N VAL B 90 15.05 -2.89 -0.63
CA VAL B 90 14.00 -3.87 -0.37
C VAL B 90 13.45 -3.67 1.05
N ASP B 91 14.24 -3.03 1.90
CA ASP B 91 13.86 -2.78 3.30
C ASP B 91 13.02 -1.53 3.50
N THR B 92 12.72 -0.80 2.42
CA THR B 92 11.90 0.40 2.56
C THR B 92 10.51 -0.04 3.01
N ALA B 93 10.02 0.55 4.09
CA ALA B 93 8.70 0.18 4.61
C ALA B 93 8.36 1.00 5.84
N THR B 94 7.16 0.77 6.36
CA THR B 94 6.74 1.43 7.58
C THR B 94 6.96 0.35 8.64
N TYR B 95 7.72 0.68 9.68
CA TYR B 95 8.03 -0.25 10.75
C TYR B 95 7.19 0.03 12.00
N PHE B 96 6.54 -1.00 12.52
CA PHE B 96 5.70 -0.90 13.72
C PHE B 96 6.22 -1.76 14.86
N CYS B 97 6.19 -1.24 16.10
CA CYS B 97 6.53 -2.08 17.24
C CYS B 97 5.17 -2.37 17.88
N ALA B 98 5.07 -3.49 18.58
CA ALA B 98 3.80 -3.85 19.18
C ALA B 98 3.96 -4.63 20.48
N HIS B 99 2.95 -4.51 21.33
CA HIS B 99 2.94 -5.17 22.61
C HIS B 99 2.20 -6.48 22.55
N ARG B 100 2.77 -7.50 23.20
CA ARG B 100 2.16 -8.80 23.29
C ARG B 100 1.96 -9.09 24.78
N ARG B 101 0.74 -9.39 25.16
CA ARG B 101 0.44 -9.69 26.55
C ARG B 101 1.08 -10.99 26.98
N GLY B 102 1.28 -11.11 28.29
CA GLY B 102 1.81 -12.34 28.86
C GLY B 102 0.57 -13.17 29.19
N PRO B 103 0.73 -14.41 29.63
CA PRO B 103 -0.45 -15.22 29.94
C PRO B 103 -1.23 -14.71 31.15
N THR B 104 -2.46 -15.18 31.30
CA THR B 104 -3.28 -14.80 32.43
C THR B 104 -2.60 -15.37 33.67
N THR B 105 -2.49 -14.56 34.72
CA THR B 105 -1.88 -15.03 35.96
C THR B 105 -2.80 -14.74 37.13
N LEU B 106 -2.81 -15.65 38.10
CA LEU B 106 -3.65 -15.48 39.27
C LEU B 106 -2.69 -15.38 40.45
N PHE B 107 -2.50 -14.18 40.95
CA PHE B 107 -1.58 -13.92 42.05
C PHE B 107 -0.18 -14.33 41.62
N GLY B 108 0.13 -14.11 40.34
CA GLY B 108 1.45 -14.46 39.84
C GLY B 108 1.54 -15.81 39.17
N VAL B 109 0.52 -16.65 39.37
CA VAL B 109 0.52 -17.98 38.77
C VAL B 109 -0.09 -17.97 37.36
N PRO B 110 0.67 -18.43 36.35
CA PRO B 110 0.18 -18.47 34.96
C PRO B 110 -0.93 -19.52 34.85
N ILE B 111 -2.14 -19.10 34.48
CA ILE B 111 -3.24 -20.04 34.39
C ILE B 111 -3.91 -20.17 33.02
N ALA B 112 -3.65 -19.23 32.12
CA ALA B 112 -4.27 -19.29 30.80
C ALA B 112 -3.42 -18.71 29.68
N ARG B 113 -3.30 -19.48 28.60
CA ARG B 113 -2.54 -19.06 27.41
C ARG B 113 -3.26 -17.96 26.64
N GLY B 114 -4.59 -18.12 26.53
CA GLY B 114 -5.45 -17.20 25.80
C GLY B 114 -5.00 -15.81 25.37
N PRO B 115 -4.86 -14.87 26.32
CA PRO B 115 -4.46 -13.48 26.08
C PRO B 115 -3.21 -13.23 25.24
N VAL B 116 -2.26 -14.16 25.24
CA VAL B 116 -1.02 -13.98 24.48
C VAL B 116 -1.15 -14.14 22.97
N ASN B 117 -2.25 -14.70 22.49
CA ASN B 117 -2.37 -14.90 21.06
C ASN B 117 -2.87 -13.75 20.22
N ALA B 118 -2.02 -12.72 20.14
CA ALA B 118 -2.26 -11.51 19.37
C ALA B 118 -1.27 -10.46 19.82
N MET B 119 -1.15 -9.39 19.03
CA MET B 119 -0.32 -8.26 19.36
C MET B 119 -1.44 -7.26 19.60
N ASP B 120 -1.75 -6.99 20.87
CA ASP B 120 -2.88 -6.13 21.21
C ASP B 120 -2.76 -4.62 21.07
N VAL B 121 -1.55 -4.08 21.12
CA VAL B 121 -1.39 -2.64 20.96
C VAL B 121 -0.19 -2.35 20.06
N TRP B 122 -0.43 -1.55 19.02
CA TRP B 122 0.61 -1.22 18.07
C TRP B 122 0.98 0.24 18.15
N GLY B 123 2.21 0.56 17.76
CA GLY B 123 2.63 1.95 17.75
C GLY B 123 2.13 2.58 16.45
N GLN B 124 2.26 3.89 16.34
CA GLN B 124 1.81 4.62 15.14
C GLN B 124 2.56 4.20 13.87
N GLY B 125 3.79 3.70 14.04
CA GLY B 125 4.59 3.28 12.90
C GLY B 125 5.54 4.34 12.40
N ILE B 126 6.71 3.93 11.93
CA ILE B 126 7.69 4.88 11.39
C ILE B 126 8.13 4.48 9.99
N THR B 127 7.95 5.39 9.03
CA THR B 127 8.34 5.11 7.65
C THR B 127 9.84 5.30 7.47
N VAL B 128 10.47 4.28 6.90
CA VAL B 128 11.91 4.31 6.66
C VAL B 128 12.21 4.00 5.20
N THR B 129 12.96 4.88 4.57
CA THR B 129 13.31 4.68 3.17
C THR B 129 14.81 4.43 3.07
N ILE B 130 15.17 3.40 2.31
CA ILE B 130 16.56 3.06 2.10
C ILE B 130 16.88 3.41 0.64
N SER B 131 17.75 4.39 0.44
CA SER B 131 18.12 4.83 -0.90
C SER B 131 19.40 5.65 -0.93
N SER B 132 20.12 5.57 -2.04
CA SER B 132 21.34 6.35 -2.19
C SER B 132 21.12 7.53 -3.14
N THR B 133 19.87 7.74 -3.54
CA THR B 133 19.52 8.82 -4.44
C THR B 133 19.72 10.19 -3.76
N SER B 134 20.13 11.18 -4.55
CA SER B 134 20.34 12.53 -4.02
C SER B 134 19.09 13.35 -4.22
N THR B 135 18.90 14.35 -3.38
CA THR B 135 17.72 15.22 -3.48
C THR B 135 17.63 15.81 -4.88
N LYS B 136 16.44 15.81 -5.45
CA LYS B 136 16.24 16.34 -6.81
C LYS B 136 14.81 16.77 -7.09
N GLY B 137 14.67 17.96 -7.66
CA GLY B 137 13.36 18.47 -7.99
C GLY B 137 12.81 17.83 -9.25
N PRO B 138 11.49 17.77 -9.39
CA PRO B 138 10.87 17.16 -10.57
C PRO B 138 10.89 18.03 -11.83
N SER B 139 10.56 17.41 -12.94
CA SER B 139 10.44 18.08 -14.22
C SER B 139 8.97 17.83 -14.50
N VAL B 140 8.24 18.85 -14.93
CA VAL B 140 6.82 18.68 -15.18
C VAL B 140 6.55 18.72 -16.67
N PHE B 141 5.81 17.73 -17.16
CA PHE B 141 5.47 17.62 -18.58
C PHE B 141 3.95 17.58 -18.70
N PRO B 142 3.41 18.16 -19.79
CA PRO B 142 1.96 18.15 -19.96
C PRO B 142 1.41 16.87 -20.57
N LEU B 143 0.17 16.55 -20.21
CA LEU B 143 -0.54 15.41 -20.75
C LEU B 143 -1.69 16.14 -21.46
N ALA B 144 -1.38 16.62 -22.66
CA ALA B 144 -2.33 17.40 -23.45
C ALA B 144 -3.61 16.67 -23.82
N PRO B 145 -4.75 17.39 -23.78
CA PRO B 145 -6.05 16.82 -24.12
C PRO B 145 -6.04 16.59 -25.63
N SER B 146 -6.79 15.60 -26.09
CA SER B 146 -6.84 15.31 -27.52
C SER B 146 -8.08 14.48 -27.81
N SER B 147 -8.23 14.09 -29.08
CA SER B 147 -9.36 13.27 -29.46
C SER B 147 -9.22 11.91 -28.78
N LYS B 148 -7.98 11.55 -28.47
CA LYS B 148 -7.69 10.28 -27.81
C LYS B 148 -7.87 10.32 -26.30
N SER B 149 -8.18 11.51 -25.76
CA SER B 149 -8.39 11.65 -24.32
C SER B 149 -9.77 12.27 -24.07
N THR B 150 -10.65 12.18 -25.07
CA THR B 150 -11.99 12.74 -24.97
C THR B 150 -13.07 11.65 -24.95
N SER B 151 -14.10 11.86 -24.14
CA SER B 151 -15.20 10.91 -24.02
C SER B 151 -16.50 11.69 -24.01
N GLY B 152 -17.16 11.75 -25.17
CA GLY B 152 -18.40 12.51 -25.26
C GLY B 152 -18.07 13.98 -25.20
N GLY B 153 -18.77 14.71 -24.34
CA GLY B 153 -18.50 16.13 -24.21
C GLY B 153 -17.47 16.37 -23.12
N THR B 154 -16.71 15.32 -22.78
CA THR B 154 -15.71 15.42 -21.74
C THR B 154 -14.30 15.11 -22.24
N ALA B 155 -13.32 15.82 -21.69
CA ALA B 155 -11.94 15.62 -22.07
C ALA B 155 -11.07 15.42 -20.84
N ALA B 156 -10.05 14.59 -20.96
CA ALA B 156 -9.13 14.33 -19.86
C ALA B 156 -7.81 15.00 -20.22
N LEU B 157 -7.12 15.51 -19.20
CA LEU B 157 -5.83 16.15 -19.40
C LEU B 157 -5.07 16.09 -18.08
N GLY B 158 -3.78 16.43 -18.09
CA GLY B 158 -3.04 16.38 -16.85
C GLY B 158 -1.56 16.75 -16.89
N CYS B 159 -0.89 16.47 -15.79
CA CYS B 159 0.53 16.73 -15.62
C CYS B 159 1.29 15.47 -15.21
N LEU B 160 2.51 15.35 -15.72
CA LEU B 160 3.39 14.24 -15.40
C LEU B 160 4.54 14.85 -14.59
N VAL B 161 4.62 14.49 -13.32
CA VAL B 161 5.68 15.01 -12.45
C VAL B 161 6.69 13.87 -12.40
N LYS B 162 7.81 14.07 -13.09
CA LYS B 162 8.81 13.03 -13.19
C LYS B 162 10.20 13.31 -12.61
N ASP B 163 10.81 12.24 -12.11
CA ASP B 163 12.16 12.26 -11.56
C ASP B 163 12.45 13.18 -10.39
N TYR B 164 11.93 12.84 -9.22
CA TYR B 164 12.19 13.66 -8.04
C TYR B 164 12.47 12.77 -6.85
N PHE B 165 13.08 13.35 -5.84
CA PHE B 165 13.43 12.63 -4.63
C PHE B 165 13.80 13.62 -3.54
N PRO B 166 13.34 13.39 -2.31
CA PRO B 166 12.51 12.25 -1.96
C PRO B 166 11.05 12.69 -1.98
N GLU B 167 10.18 11.86 -1.45
CA GLU B 167 8.76 12.19 -1.35
C GLU B 167 8.70 13.29 -0.28
N PRO B 168 7.61 14.07 -0.26
CA PRO B 168 6.46 13.99 -1.15
C PRO B 168 6.39 15.18 -2.08
N VAL B 169 5.35 15.18 -2.92
CA VAL B 169 5.11 16.27 -3.85
C VAL B 169 3.62 16.57 -3.76
N THR B 170 3.25 17.84 -3.84
CA THR B 170 1.85 18.20 -3.81
C THR B 170 1.48 18.81 -5.15
N VAL B 171 0.24 18.57 -5.57
CA VAL B 171 -0.24 19.09 -6.84
C VAL B 171 -1.63 19.64 -6.69
N SER B 172 -1.87 20.79 -7.30
CA SER B 172 -3.19 21.42 -7.29
C SER B 172 -3.41 21.91 -8.71
N TRP B 173 -4.64 22.32 -9.02
CA TRP B 173 -4.96 22.82 -10.35
C TRP B 173 -5.55 24.22 -10.26
N ASN B 174 -5.08 25.11 -11.12
CA ASN B 174 -5.53 26.49 -11.16
C ASN B 174 -5.54 27.10 -9.76
N SER B 175 -4.41 26.97 -9.08
CA SER B 175 -4.23 27.52 -7.74
C SER B 175 -5.29 27.06 -6.74
N GLY B 176 -5.83 25.86 -6.96
CA GLY B 176 -6.83 25.34 -6.04
C GLY B 176 -8.25 25.59 -6.50
N ALA B 177 -8.41 26.41 -7.54
CA ALA B 177 -9.73 26.72 -8.05
C ALA B 177 -10.41 25.48 -8.64
N LEU B 178 -9.61 24.57 -9.17
CA LEU B 178 -10.14 23.34 -9.78
C LEU B 178 -9.84 22.11 -8.93
N THR B 179 -10.89 21.49 -8.41
CA THR B 179 -10.73 20.32 -7.57
C THR B 179 -11.59 19.15 -8.04
N SER B 180 -12.79 19.47 -8.54
CA SER B 180 -13.71 18.45 -9.01
C SER B 180 -13.20 17.72 -10.24
N GLY B 181 -13.23 16.40 -10.19
CA GLY B 181 -12.77 15.59 -11.32
C GLY B 181 -11.27 15.38 -11.35
N VAL B 182 -10.57 15.89 -10.35
CA VAL B 182 -9.11 15.74 -10.28
C VAL B 182 -8.69 14.41 -9.65
N HIS B 183 -7.66 13.80 -10.21
CA HIS B 183 -7.13 12.55 -9.69
C HIS B 183 -5.61 12.61 -9.66
N THR B 184 -5.03 12.72 -8.48
CA THR B 184 -3.58 12.74 -8.35
C THR B 184 -3.15 11.36 -7.87
N PHE B 185 -2.43 10.62 -8.70
CA PHE B 185 -2.01 9.28 -8.36
C PHE B 185 -0.86 9.17 -7.37
N PRO B 186 -0.83 8.09 -6.58
CA PRO B 186 0.24 7.89 -5.60
C PRO B 186 1.51 7.73 -6.44
N ALA B 187 2.63 8.24 -5.95
CA ALA B 187 3.88 8.16 -6.71
C ALA B 187 4.38 6.73 -6.86
N VAL B 188 5.21 6.51 -7.87
CA VAL B 188 5.81 5.19 -8.08
C VAL B 188 7.31 5.42 -8.08
N LEU B 189 8.06 4.42 -7.60
CA LEU B 189 9.51 4.50 -7.57
C LEU B 189 10.01 3.87 -8.86
N GLN B 190 10.75 4.62 -9.66
CA GLN B 190 11.25 4.10 -10.93
C GLN B 190 12.57 3.36 -10.72
N SER B 191 12.98 2.57 -11.70
CA SER B 191 14.23 1.82 -11.56
C SER B 191 15.45 2.72 -11.43
N SER B 192 15.29 4.00 -11.73
CA SER B 192 16.40 4.94 -11.62
C SER B 192 16.57 5.37 -10.16
N GLY B 193 15.57 5.11 -9.34
CA GLY B 193 15.65 5.49 -7.94
C GLY B 193 14.89 6.78 -7.66
N LEU B 194 14.34 7.36 -8.72
CA LEU B 194 13.59 8.60 -8.59
C LEU B 194 12.09 8.33 -8.63
N TYR B 195 11.33 9.15 -7.93
CA TYR B 195 9.89 8.98 -7.90
C TYR B 195 9.23 9.67 -9.07
N SER B 196 7.97 9.32 -9.31
CA SER B 196 7.22 9.90 -10.40
C SER B 196 5.72 9.69 -10.19
N LEU B 197 4.94 10.69 -10.52
CA LEU B 197 3.48 10.61 -10.40
C LEU B 197 2.87 11.50 -11.46
N SER B 198 1.59 11.31 -11.69
CA SER B 198 0.88 12.13 -12.65
C SER B 198 -0.43 12.54 -11.98
N SER B 199 -0.95 13.67 -12.42
CA SER B 199 -2.21 14.20 -11.90
C SER B 199 -3.06 14.51 -13.12
N VAL B 200 -4.30 14.02 -13.12
CA VAL B 200 -5.20 14.26 -14.23
C VAL B 200 -6.52 14.85 -13.77
N VAL B 201 -7.27 15.41 -14.72
CA VAL B 201 -8.55 16.00 -14.42
C VAL B 201 -9.39 15.96 -15.68
N THR B 202 -10.68 15.67 -15.53
CA THR B 202 -11.59 15.63 -16.65
C THR B 202 -12.38 16.93 -16.65
N VAL B 203 -12.53 17.53 -17.83
CA VAL B 203 -13.27 18.78 -17.97
C VAL B 203 -14.06 18.81 -19.27
N PRO B 204 -15.00 19.76 -19.39
CA PRO B 204 -15.80 19.87 -20.62
C PRO B 204 -14.86 20.17 -21.78
N SER B 205 -14.98 19.41 -22.86
CA SER B 205 -14.12 19.65 -24.01
C SER B 205 -14.42 21.01 -24.64
N SER B 206 -15.66 21.47 -24.45
CA SER B 206 -16.08 22.75 -25.00
C SER B 206 -15.39 23.92 -24.31
N SER B 207 -14.67 23.64 -23.23
CA SER B 207 -13.99 24.70 -22.49
C SER B 207 -12.49 24.74 -22.82
N LEU B 208 -12.01 23.73 -23.52
CA LEU B 208 -10.59 23.66 -23.86
C LEU B 208 -10.09 24.85 -24.67
N GLY B 209 -10.99 25.51 -25.39
CA GLY B 209 -10.60 26.66 -26.19
C GLY B 209 -10.50 27.96 -25.43
N THR B 210 -11.23 28.07 -24.33
CA THR B 210 -11.24 29.31 -23.54
C THR B 210 -10.61 29.22 -22.15
N GLN B 211 -10.95 28.17 -21.40
CA GLN B 211 -10.41 28.01 -20.05
C GLN B 211 -8.95 27.61 -20.01
N THR B 212 -8.21 28.23 -19.11
CA THR B 212 -6.80 27.91 -18.94
C THR B 212 -6.66 26.86 -17.85
N TYR B 213 -5.76 25.91 -18.06
CA TYR B 213 -5.53 24.84 -17.10
C TYR B 213 -4.06 24.75 -16.72
N ILE B 214 -3.77 24.99 -15.44
CA ILE B 214 -2.41 24.97 -14.94
C ILE B 214 -2.29 24.10 -13.68
N CYS B 215 -1.34 23.18 -13.67
CA CYS B 215 -1.16 22.35 -12.49
C CYS B 215 -0.02 22.99 -11.70
N ASN B 216 -0.21 23.10 -10.39
CA ASN B 216 0.79 23.70 -9.52
C ASN B 216 1.47 22.58 -8.76
N VAL B 217 2.77 22.43 -9.01
CA VAL B 217 3.57 21.38 -8.40
C VAL B 217 4.55 21.93 -7.37
N ASN B 218 4.58 21.32 -6.20
CA ASN B 218 5.49 21.77 -5.15
C ASN B 218 6.24 20.62 -4.50
N HIS B 219 7.57 20.70 -4.55
CA HIS B 219 8.46 19.69 -3.98
C HIS B 219 9.33 20.41 -2.96
N LYS B 220 8.87 20.46 -1.72
CA LYS B 220 9.58 21.14 -0.65
C LYS B 220 11.03 20.68 -0.42
N PRO B 221 11.26 19.36 -0.34
CA PRO B 221 12.62 18.84 -0.12
C PRO B 221 13.71 19.51 -0.95
N SER B 222 13.37 19.96 -2.15
CA SER B 222 14.36 20.61 -3.00
C SER B 222 14.00 22.07 -3.25
N ASN B 223 12.96 22.57 -2.58
CA ASN B 223 12.51 23.95 -2.73
C ASN B 223 12.18 24.22 -4.20
N THR B 224 11.50 23.29 -4.83
CA THR B 224 11.15 23.44 -6.23
C THR B 224 9.66 23.60 -6.43
N LYS B 225 9.28 24.67 -7.13
CA LYS B 225 7.89 24.95 -7.45
C LYS B 225 7.79 25.16 -8.95
N VAL B 226 6.76 24.58 -9.55
CA VAL B 226 6.57 24.72 -10.98
C VAL B 226 5.10 24.85 -11.31
N ASP B 227 4.80 25.76 -12.22
CA ASP B 227 3.43 25.96 -12.68
C ASP B 227 3.45 25.55 -14.14
N LYS B 228 2.69 24.52 -14.48
CA LYS B 228 2.67 24.03 -15.85
C LYS B 228 1.32 24.17 -16.49
N LYS B 229 1.25 24.94 -17.57
CA LYS B 229 0.01 25.15 -18.29
C LYS B 229 -0.17 23.97 -19.25
N VAL B 230 -1.36 23.39 -19.24
CA VAL B 230 -1.66 22.26 -20.10
C VAL B 230 -2.74 22.64 -21.11
N GLU B 231 -2.43 22.47 -22.39
CA GLU B 231 -3.39 22.82 -23.43
C GLU B 231 -3.37 21.87 -24.62
N PRO B 232 -4.43 21.92 -25.46
CA PRO B 232 -4.54 21.07 -26.64
C PRO B 232 -3.35 21.29 -27.56
N LYS B 233 -2.88 20.24 -28.21
CA LYS B 233 -1.76 20.41 -29.13
C LYS B 233 -2.28 21.15 -30.35
N SER B 234 -1.37 21.64 -31.19
CA SER B 234 -1.77 22.38 -32.38
C SER B 234 -2.77 21.59 -33.23
N YCM B 235 -2.70 20.27 -33.18
CA YCM B 235 -3.60 19.41 -33.94
CB YCM B 235 -3.36 17.93 -33.61
SG YCM B 235 -1.78 17.26 -34.12
CD YCM B 235 -0.88 17.24 -32.56
CE YCM B 235 0.58 17.63 -32.67
OZ1 YCM B 235 1.02 18.12 -33.71
NZ2 YCM B 235 1.33 17.42 -31.60
C YCM B 235 -5.06 19.72 -33.66
O YCM B 235 -5.90 19.68 -34.56
N ASP B 236 -5.37 20.05 -32.41
CA ASP B 236 -6.75 20.34 -32.00
C ASP B 236 -7.01 21.82 -31.77
N LYS B 237 -6.87 22.62 -32.81
CA LYS B 237 -7.13 24.06 -32.70
C LYS B 237 -7.77 24.59 -33.97
N GLU C 4 1.20 -32.86 8.59
CA GLU C 4 2.15 -31.94 9.26
C GLU C 4 3.52 -31.97 8.56
N GLN C 5 3.97 -30.81 8.11
CA GLN C 5 5.25 -30.70 7.41
C GLN C 5 6.21 -29.75 8.11
N GLU C 6 7.37 -29.53 7.48
CA GLU C 6 8.41 -28.65 8.00
C GLU C 6 8.83 -29.12 9.41
N LEU C 7 9.56 -28.28 10.13
CA LEU C 7 9.99 -28.57 11.49
C LEU C 7 9.98 -27.23 12.21
N LEU C 8 8.83 -26.55 12.10
CA LEU C 8 8.64 -25.25 12.70
C LEU C 8 8.81 -25.24 14.21
N GLU C 9 9.43 -24.18 14.72
CA GLU C 9 9.63 -24.03 16.14
C GLU C 9 8.34 -23.52 16.79
N LEU C 10 8.02 -24.07 17.95
CA LEU C 10 6.81 -23.68 18.67
C LEU C 10 6.95 -22.34 19.36
N ASP C 11 5.87 -21.58 19.37
CA ASP C 11 5.82 -20.28 20.02
C ASP C 11 6.14 -20.48 21.50
N LYS C 12 6.53 -19.40 22.18
CA LYS C 12 6.87 -19.45 23.58
C LYS C 12 5.75 -20.03 24.47
N TRP C 13 4.49 -19.75 24.13
CA TRP C 13 3.38 -20.22 24.95
C TRP C 13 2.57 -21.38 24.37
N ALA C 14 3.08 -21.99 23.31
CA ALA C 14 2.38 -23.10 22.66
C ALA C 14 2.12 -24.32 23.54
N SER C 15 2.89 -24.48 24.60
CA SER C 15 2.71 -25.64 25.48
C SER C 15 1.98 -25.25 26.77
N LEU C 16 1.46 -24.03 26.80
CA LEU C 16 0.73 -23.58 27.96
C LEU C 16 -0.76 -23.83 27.72
N TRP C 17 -1.46 -24.31 28.74
CA TRP C 17 -2.89 -24.57 28.63
C TRP C 17 -3.62 -23.24 28.45
N NH2 C 18 -4.55 -23.18 27.49
C1 EDO D . 1.34 -10.19 -29.79
O1 EDO D . 2.30 -10.13 -30.57
C2 EDO D . 1.82 -10.42 -28.34
O2 EDO D . 3.26 -10.51 -28.28
C1 EDO E . -15.32 -7.17 -6.07
O1 EDO E . -14.58 -7.32 -7.07
C2 EDO E . -14.53 -6.55 -4.90
O2 EDO E . -13.16 -6.31 -5.27
C1 IPA F . -15.99 -21.22 10.84
C2 IPA F . -15.22 -22.41 10.68
C3 IPA F . -14.47 -22.39 9.41
O2 IPA F . -14.35 -22.50 11.82
C1 IPA G . -3.09 0.94 4.67
C2 IPA G . -1.71 1.25 4.88
C3 IPA G . -1.22 2.22 3.87
O2 IPA G . -1.60 1.76 6.22
C1 IPA H . -3.72 11.84 7.53
C2 IPA H . -3.60 10.50 8.03
C3 IPA H . -4.88 9.75 7.86
O2 IPA H . -2.51 9.88 7.33
C1 EDO I . 8.45 -15.27 30.87
O1 EDO I . 9.35 -14.67 30.25
C2 EDO I . 9.01 -16.49 31.63
O2 EDO I . 10.43 -16.62 31.43
C1 IPA J . -8.35 -17.51 28.01
C2 IPA J . -8.87 -17.37 29.34
C3 IPA J . -8.44 -16.08 29.95
O2 IPA J . -10.30 -17.48 29.24
C1 IPA K . 10.40 20.79 -17.16
C2 IPA K . 9.86 21.79 -16.27
C3 IPA K . 8.58 22.32 -16.78
O2 IPA K . 9.72 21.16 -14.99
C1 IPA L . 10.26 -0.34 34.75
C2 IPA L . 9.61 0.94 34.82
C3 IPA L . 10.56 2.03 34.48
O2 IPA L . 8.49 0.89 33.93
#